data_8Y2C
#
_entry.id   8Y2C
#
_cell.length_a   1.00
_cell.length_b   1.00
_cell.length_c   1.00
_cell.angle_alpha   90.00
_cell.angle_beta   90.00
_cell.angle_gamma   90.00
#
_symmetry.space_group_name_H-M   'P 1'
#
loop_
_entity.id
_entity.type
_entity.pdbx_description
1 polymer 'Sodium-dependent dopamine transporter'
2 non-polymer 2-acetamido-2-deoxy-beta-D-glucopyranose
#
_entity_poly.entity_id   1
_entity_poly.type   'polypeptide(L)'
_entity_poly.pdbx_seq_one_letter_code
;KIDFLLSVIGFAVDLANVWRFPYLCYKNGGGAFLVPYLLFMVIAGMPLFYMELALGQFNREGAAGVWKICPILKGVGFTV
ILISLYVGFFYNVIIAWALHYLFSSFTTELPWIHCNNSWNSPNCSDAHPGDSSGDSSGLNDTFGTTPAAEYFERGVLHLH
QSHGIDDLGPPRWQLTACLVLVIVLLYFSLWKGVKTSGKVVWITATMPYVVLTALLLRGVTLPGAIDGIRAYLSVDFYRL
CEASVWIDAATQVCFSLGVGFGVLIAFSSYNKFTNNCYRDAIVTTSINSLTSFSSGFVVFSFLGYMAQKHSVPIGDVAKD
GPGLIFIIYPEAIATLPLSSAWAVVFFIMLLTLGIDSAMGGMESVITGLIDEFQLLHRHRELFTLFIVLATFLLSLFCVT
NGGIYVFTLLDHFAAGTSILFGVLIEAIGVAWFYGVGQFSDDIQQMTGQRPSLYWRLCWKLVSPCFLLFVVVVSIVTFRP
PHYGAYIFPDWANALGWVIATSSMAMVPIYAAYKFCSLPGSFREKLAYAIAPEKDRELVDRGEVRQFTLRHWLKV
;
_entity_poly.pdbx_strand_id   A
#
loop_
_chem_comp.id
_chem_comp.type
_chem_comp.name
_chem_comp.formula
NAG D-saccharide, beta linking 2-acetamido-2-deoxy-beta-D-glucopyranose 'C8 H15 N O6'
#
# COMPACT_ATOMS: atom_id res chain seq x y z
N LYS A 1 28.10 1.81 -5.34
CA LYS A 1 27.38 2.73 -6.23
C LYS A 1 26.36 1.96 -7.05
N ILE A 2 26.81 0.87 -7.69
CA ILE A 2 25.92 0.00 -8.44
C ILE A 2 24.92 -0.66 -7.51
N ASP A 3 25.39 -1.11 -6.34
CA ASP A 3 24.49 -1.70 -5.35
C ASP A 3 23.46 -0.68 -4.87
N PHE A 4 23.89 0.58 -4.71
CA PHE A 4 22.97 1.62 -4.29
C PHE A 4 21.87 1.83 -5.33
N LEU A 5 22.24 1.85 -6.61
CA LEU A 5 21.25 2.10 -7.65
C LEU A 5 20.20 0.99 -7.71
N LEU A 6 20.64 -0.28 -7.61
CA LEU A 6 19.69 -1.38 -7.68
C LEU A 6 18.72 -1.36 -6.51
N SER A 7 19.21 -1.02 -5.31
CA SER A 7 18.32 -0.90 -4.16
C SER A 7 17.31 0.22 -4.36
N VAL A 8 17.75 1.33 -4.95
CA VAL A 8 16.87 2.48 -5.15
C VAL A 8 15.72 2.10 -6.09
N ILE A 9 16.02 1.38 -7.17
CA ILE A 9 14.97 0.94 -8.09
C ILE A 9 14.03 -0.04 -7.42
N GLY A 10 14.49 -0.71 -6.36
CA GLY A 10 13.63 -1.65 -5.66
C GLY A 10 12.44 -0.98 -5.00
N PHE A 11 12.66 0.18 -4.39
CA PHE A 11 11.59 0.94 -3.78
C PHE A 11 10.98 1.98 -4.73
N ALA A 12 11.46 2.05 -5.97
CA ALA A 12 10.92 3.02 -6.91
C ALA A 12 9.64 2.51 -7.57
N VAL A 13 9.72 1.38 -8.26
CA VAL A 13 8.58 0.80 -8.95
C VAL A 13 7.97 -0.29 -8.07
N ASP A 14 6.67 -0.22 -7.84
CA ASP A 14 5.96 -1.22 -7.07
C ASP A 14 4.52 -1.27 -7.56
N LEU A 15 3.76 -2.22 -7.01
CA LEU A 15 2.37 -2.40 -7.44
C LEU A 15 1.49 -1.22 -7.05
N ALA A 16 1.87 -0.45 -6.02
CA ALA A 16 1.07 0.71 -5.63
C ALA A 16 1.25 1.88 -6.59
N ASN A 17 2.40 1.97 -7.26
CA ASN A 17 2.64 3.05 -8.21
C ASN A 17 1.89 2.81 -9.53
N VAL A 18 1.82 1.56 -9.97
CA VAL A 18 1.28 1.24 -11.28
C VAL A 18 -0.22 0.97 -11.22
N TRP A 19 -0.70 0.32 -10.17
CA TRP A 19 -2.10 -0.07 -10.09
C TRP A 19 -2.94 0.98 -9.36
N ARG A 20 -2.58 1.30 -8.12
CA ARG A 20 -3.46 2.12 -7.28
C ARG A 20 -3.45 3.58 -7.67
N PHE A 21 -2.30 4.12 -8.05
CA PHE A 21 -2.19 5.56 -8.28
C PHE A 21 -3.08 6.06 -9.42
N PRO A 22 -3.09 5.45 -10.60
CA PRO A 22 -4.02 5.95 -11.64
C PRO A 22 -5.48 5.85 -11.22
N TYR A 23 -5.85 4.80 -10.49
CA TYR A 23 -7.22 4.66 -10.02
C TYR A 23 -7.60 5.79 -9.07
N LEU A 24 -6.73 6.09 -8.10
CA LEU A 24 -7.01 7.17 -7.16
C LEU A 24 -7.00 8.52 -7.84
N CYS A 25 -6.12 8.71 -8.83
CA CYS A 25 -6.07 9.98 -9.55
C CYS A 25 -7.33 10.19 -10.38
N TYR A 26 -7.84 9.11 -11.02
CA TYR A 26 -9.08 9.21 -11.76
C TYR A 26 -10.26 9.46 -10.83
N LYS A 27 -10.24 8.90 -9.63
CA LYS A 27 -11.34 9.09 -8.70
C LYS A 27 -11.52 10.56 -8.33
N ASN A 28 -10.42 11.28 -8.14
CA ASN A 28 -10.47 12.61 -7.54
C ASN A 28 -10.18 13.75 -8.52
N GLY A 29 -10.20 13.47 -9.82
CA GLY A 29 -10.12 14.55 -10.80
C GLY A 29 -8.84 14.63 -11.60
N GLY A 30 -7.70 14.47 -10.93
CA GLY A 30 -6.43 14.45 -11.63
C GLY A 30 -5.39 15.45 -11.15
N GLY A 31 -5.80 16.69 -10.86
CA GLY A 31 -4.90 17.67 -10.31
C GLY A 31 -5.25 17.99 -8.87
N ALA A 32 -6.55 17.92 -8.58
CA ALA A 32 -7.04 18.06 -7.22
C ALA A 32 -6.53 16.94 -6.32
N PHE A 33 -6.03 15.86 -6.90
CA PHE A 33 -5.32 14.82 -6.15
C PHE A 33 -3.81 14.96 -6.25
N LEU A 34 -3.30 15.53 -7.35
CA LEU A 34 -1.86 15.73 -7.47
C LEU A 34 -1.35 16.69 -6.42
N VAL A 35 -2.07 17.80 -6.19
CA VAL A 35 -1.59 18.81 -5.24
C VAL A 35 -1.52 18.28 -3.82
N PRO A 36 -2.58 17.67 -3.24
CA PRO A 36 -2.44 17.13 -1.87
C PRO A 36 -1.41 16.03 -1.76
N TYR A 37 -1.19 15.26 -2.83
CA TYR A 37 -0.18 14.21 -2.78
C TYR A 37 1.20 14.78 -2.51
N LEU A 38 1.60 15.78 -3.29
CA LEU A 38 2.89 16.43 -3.08
C LEU A 38 2.94 17.15 -1.73
N LEU A 39 1.86 17.85 -1.38
CA LEU A 39 1.84 18.59 -0.13
C LEU A 39 2.03 17.65 1.07
N PHE A 40 1.33 16.52 1.07
CA PHE A 40 1.47 15.57 2.17
C PHE A 40 2.81 14.86 2.12
N MET A 41 3.32 14.58 0.92
CA MET A 41 4.60 13.91 0.80
C MET A 41 5.70 14.74 1.44
N VAL A 42 5.93 15.95 0.91
CA VAL A 42 7.10 16.75 1.26
C VAL A 42 7.07 17.20 2.72
N ILE A 43 6.00 16.88 3.44
CA ILE A 43 5.86 17.27 4.83
C ILE A 43 5.84 16.08 5.77
N ALA A 44 5.12 15.01 5.43
CA ALA A 44 4.94 13.91 6.36
C ALA A 44 5.40 12.55 5.84
N GLY A 45 5.76 12.42 4.57
CA GLY A 45 6.15 11.11 4.07
C GLY A 45 7.64 10.89 4.14
N MET A 46 8.42 11.84 3.63
CA MET A 46 9.87 11.73 3.69
C MET A 46 10.41 11.72 5.12
N PRO A 47 9.97 12.60 6.03
CA PRO A 47 10.47 12.49 7.42
C PRO A 47 10.19 11.14 8.05
N LEU A 48 9.00 10.56 7.82
CA LEU A 48 8.70 9.26 8.41
C LEU A 48 9.49 8.15 7.74
N PHE A 49 9.75 8.25 6.44
CA PHE A 49 10.58 7.26 5.78
C PHE A 49 11.99 7.25 6.34
N TYR A 50 12.59 8.44 6.46
CA TYR A 50 13.93 8.57 7.04
C TYR A 50 13.95 8.09 8.49
N MET A 51 12.91 8.45 9.26
CA MET A 51 12.71 7.97 10.62
C MET A 51 12.69 6.45 10.71
N GLU A 52 11.87 5.78 9.91
CA GLU A 52 11.72 4.34 10.02
C GLU A 52 13.00 3.64 9.61
N LEU A 53 13.63 4.13 8.55
CA LEU A 53 14.89 3.56 8.09
C LEU A 53 15.94 3.66 9.19
N ALA A 54 16.06 4.84 9.82
CA ALA A 54 17.07 5.01 10.87
C ALA A 54 16.77 4.13 12.09
N LEU A 55 15.50 4.07 12.51
CA LEU A 55 15.16 3.27 13.68
C LEU A 55 15.45 1.79 13.44
N GLY A 56 15.06 1.29 12.26
CA GLY A 56 15.33 -0.11 11.94
C GLY A 56 16.83 -0.39 11.84
N GLN A 57 17.58 0.51 11.21
CA GLN A 57 19.01 0.30 11.05
C GLN A 57 19.77 0.43 12.36
N PHE A 58 19.21 1.12 13.34
CA PHE A 58 19.92 1.22 14.62
C PHE A 58 19.55 0.11 15.59
N ASN A 59 18.27 -0.24 15.69
CA ASN A 59 17.88 -1.23 16.69
C ASN A 59 18.31 -2.64 16.32
N ARG A 60 18.38 -2.94 15.02
CA ARG A 60 18.81 -4.26 14.52
C ARG A 60 17.94 -5.38 15.08
N GLU A 61 16.65 -5.13 15.21
CA GLU A 61 15.71 -6.15 15.69
C GLU A 61 14.54 -6.32 14.74
N GLY A 62 13.55 -7.09 15.15
CA GLY A 62 12.39 -7.37 14.31
C GLY A 62 11.41 -6.21 14.29
N ALA A 63 10.28 -6.46 13.62
CA ALA A 63 9.26 -5.42 13.49
C ALA A 63 8.70 -5.01 14.84
N ALA A 64 8.38 -5.98 15.70
CA ALA A 64 7.89 -5.71 17.03
C ALA A 64 8.99 -5.71 18.10
N GLY A 65 10.21 -6.09 17.74
CA GLY A 65 11.31 -6.10 18.69
C GLY A 65 12.02 -4.78 18.85
N VAL A 66 11.73 -3.80 18.00
CA VAL A 66 12.35 -2.49 18.12
C VAL A 66 11.72 -1.62 19.19
N TRP A 67 10.61 -2.08 19.77
CA TRP A 67 9.93 -1.31 20.81
C TRP A 67 10.41 -1.70 22.21
N LYS A 68 11.72 -1.70 22.39
CA LYS A 68 12.31 -1.73 23.72
C LYS A 68 12.66 -0.34 24.22
N ILE A 69 12.47 0.69 23.39
CA ILE A 69 12.61 2.07 23.82
C ILE A 69 11.33 2.63 24.42
N CYS A 70 10.20 1.96 24.20
CA CYS A 70 8.94 2.32 24.83
C CYS A 70 8.12 1.06 24.98
N PRO A 71 8.31 0.32 26.08
CA PRO A 71 7.65 -1.00 26.20
C PRO A 71 6.13 -0.96 26.14
N ILE A 72 5.50 0.11 26.64
CA ILE A 72 4.04 0.14 26.69
C ILE A 72 3.43 0.18 25.30
N LEU A 73 4.11 0.81 24.34
CA LEU A 73 3.61 0.93 22.97
C LEU A 73 4.23 -0.16 22.09
N LYS A 74 3.81 -1.41 22.37
CA LYS A 74 4.32 -2.54 21.63
C LYS A 74 3.25 -3.23 20.78
N GLY A 75 1.97 -2.97 21.02
CA GLY A 75 0.92 -3.52 20.18
C GLY A 75 0.94 -2.98 18.77
N VAL A 76 1.59 -1.83 18.55
CA VAL A 76 1.75 -1.30 17.21
C VAL A 76 2.64 -2.18 16.35
N GLY A 77 3.34 -3.14 16.95
CA GLY A 77 4.04 -4.14 16.17
C GLY A 77 3.18 -5.26 15.65
N PHE A 78 2.05 -5.52 16.30
CA PHE A 78 1.07 -6.48 15.81
C PHE A 78 0.03 -5.84 14.91
N THR A 79 -0.27 -4.56 15.13
CA THR A 79 -1.21 -3.86 14.24
C THR A 79 -0.69 -3.84 12.81
N VAL A 80 0.61 -3.57 12.63
CA VAL A 80 1.18 -3.54 11.29
C VAL A 80 1.16 -4.92 10.66
N ILE A 81 1.38 -5.97 11.47
CA ILE A 81 1.32 -7.34 10.94
C ILE A 81 -0.09 -7.66 10.46
N LEU A 82 -1.11 -7.28 11.24
CA LEU A 82 -2.49 -7.51 10.82
C LEU A 82 -2.83 -6.72 9.57
N ILE A 83 -2.35 -5.49 9.47
CA ILE A 83 -2.58 -4.68 8.28
C ILE A 83 -1.93 -5.33 7.07
N SER A 84 -0.71 -5.83 7.22
CA SER A 84 -0.03 -6.52 6.12
C SER A 84 -0.79 -7.77 5.70
N LEU A 85 -1.31 -8.53 6.66
CA LEU A 85 -2.12 -9.70 6.33
C LEU A 85 -3.36 -9.31 5.54
N TYR A 86 -4.07 -8.27 5.99
CA TYR A 86 -5.27 -7.84 5.29
C TYR A 86 -4.96 -7.37 3.87
N VAL A 87 -3.85 -6.66 3.70
CA VAL A 87 -3.48 -6.19 2.38
C VAL A 87 -3.09 -7.35 1.47
N GLY A 88 -2.30 -8.29 2.00
CA GLY A 88 -1.92 -9.45 1.21
C GLY A 88 -3.09 -10.36 0.87
N PHE A 89 -4.21 -10.23 1.59
CA PHE A 89 -5.39 -10.99 1.23
C PHE A 89 -5.87 -10.65 -0.18
N PHE A 90 -5.90 -9.36 -0.53
CA PHE A 90 -6.34 -8.94 -1.85
C PHE A 90 -5.19 -8.61 -2.78
N TYR A 91 -3.94 -8.72 -2.31
CA TYR A 91 -2.81 -8.62 -3.22
C TYR A 91 -2.64 -9.86 -4.09
N ASN A 92 -3.40 -10.93 -3.83
CA ASN A 92 -3.27 -12.16 -4.60
C ASN A 92 -4.20 -12.21 -5.81
N VAL A 93 -5.37 -11.60 -5.71
CA VAL A 93 -6.30 -11.63 -6.85
C VAL A 93 -5.79 -10.78 -8.00
N ILE A 94 -4.99 -9.75 -7.70
CA ILE A 94 -4.37 -8.98 -8.78
C ILE A 94 -3.43 -9.87 -9.60
N ILE A 95 -2.62 -10.66 -8.90
CA ILE A 95 -1.71 -11.59 -9.59
C ILE A 95 -2.51 -12.65 -10.32
N ALA A 96 -3.62 -13.10 -9.75
CA ALA A 96 -4.47 -14.08 -10.42
C ALA A 96 -5.04 -13.52 -11.72
N TRP A 97 -5.51 -12.27 -11.69
CA TRP A 97 -6.02 -11.64 -12.90
C TRP A 97 -4.93 -11.47 -13.94
N ALA A 98 -3.73 -11.07 -13.50
CA ALA A 98 -2.62 -10.92 -14.44
C ALA A 98 -2.26 -12.26 -15.08
N LEU A 99 -2.27 -13.34 -14.29
CA LEU A 99 -2.00 -14.66 -14.83
C LEU A 99 -3.07 -15.10 -15.82
N HIS A 100 -4.34 -14.82 -15.51
CA HIS A 100 -5.43 -15.15 -16.43
C HIS A 100 -5.26 -14.41 -17.75
N TYR A 101 -4.95 -13.11 -17.68
CA TYR A 101 -4.77 -12.33 -18.90
C TYR A 101 -3.57 -12.81 -19.70
N LEU A 102 -2.46 -13.13 -19.02
CA LEU A 102 -1.29 -13.62 -19.73
C LEU A 102 -1.56 -14.95 -20.42
N PHE A 103 -2.33 -15.83 -19.76
CA PHE A 103 -2.66 -17.11 -20.39
C PHE A 103 -3.65 -16.93 -21.54
N SER A 104 -4.51 -15.93 -21.47
CA SER A 104 -5.44 -15.65 -22.55
C SER A 104 -4.86 -14.74 -23.63
N SER A 105 -3.63 -14.30 -23.48
CA SER A 105 -2.99 -13.42 -24.46
C SER A 105 -2.16 -14.17 -25.49
N PHE A 106 -2.17 -15.50 -25.49
CA PHE A 106 -1.38 -16.30 -26.41
C PHE A 106 -2.21 -16.67 -27.63
N THR A 107 -2.53 -15.66 -28.43
CA THR A 107 -3.36 -15.85 -29.61
C THR A 107 -3.15 -14.67 -30.54
N THR A 108 -3.13 -14.93 -31.86
CA THR A 108 -2.93 -13.86 -32.83
C THR A 108 -4.06 -12.84 -32.78
N GLU A 109 -5.25 -13.25 -32.36
CA GLU A 109 -6.42 -12.37 -32.28
C GLU A 109 -6.84 -12.25 -30.82
N LEU A 110 -6.54 -11.11 -30.21
CA LEU A 110 -6.86 -10.90 -28.81
C LEU A 110 -8.38 -10.86 -28.60
N PRO A 111 -8.88 -11.35 -27.47
CA PRO A 111 -10.33 -11.36 -27.24
C PRO A 111 -10.90 -10.01 -26.83
N TRP A 112 -10.10 -9.08 -26.33
CA TRP A 112 -10.60 -7.78 -25.90
C TRP A 112 -10.53 -6.75 -27.03
N ILE A 113 -11.05 -7.11 -28.20
CA ILE A 113 -10.89 -6.26 -29.38
C ILE A 113 -12.20 -5.98 -30.10
N HIS A 114 -13.25 -6.78 -29.93
CA HIS A 114 -14.54 -6.49 -30.54
C HIS A 114 -15.62 -7.22 -29.76
N CYS A 115 -16.85 -6.73 -29.90
CA CYS A 115 -18.01 -7.33 -29.22
C CYS A 115 -18.78 -8.18 -30.22
N ASN A 116 -18.33 -9.42 -30.37
CA ASN A 116 -19.00 -10.39 -31.23
C ASN A 116 -19.02 -11.78 -30.62
N ASN A 117 -18.55 -11.94 -29.39
CA ASN A 117 -18.38 -13.24 -28.76
C ASN A 117 -19.57 -13.54 -27.84
N SER A 118 -19.47 -14.64 -27.10
CA SER A 118 -20.60 -15.10 -26.29
C SER A 118 -20.93 -14.12 -25.18
N TRP A 119 -19.91 -13.57 -24.52
CA TRP A 119 -20.09 -12.77 -23.31
C TRP A 119 -20.49 -11.33 -23.60
N ASN A 120 -20.92 -11.00 -24.81
CA ASN A 120 -21.24 -9.64 -25.17
C ASN A 120 -22.74 -9.38 -25.05
N SER A 121 -23.07 -8.14 -24.71
CA SER A 121 -24.44 -7.64 -24.57
C SER A 121 -24.77 -6.72 -25.73
N PRO A 122 -26.05 -6.60 -26.10
CA PRO A 122 -26.40 -5.75 -27.26
C PRO A 122 -26.21 -4.26 -27.01
N ASN A 123 -25.64 -3.89 -25.87
CA ASN A 123 -25.37 -2.50 -25.57
C ASN A 123 -23.96 -2.06 -25.95
N CYS A 124 -23.14 -2.94 -26.53
CA CYS A 124 -21.81 -2.54 -26.94
C CYS A 124 -21.87 -1.55 -28.08
N SER A 125 -20.95 -0.58 -28.07
CA SER A 125 -20.90 0.49 -29.06
C SER A 125 -19.51 0.58 -29.67
N ASP A 126 -18.97 -0.57 -30.09
CA ASP A 126 -17.68 -0.61 -30.76
C ASP A 126 -17.70 0.18 -32.07
N GLY A 144 -22.87 3.55 -25.19
CA GLY A 144 -22.65 2.13 -25.07
C GLY A 144 -21.44 1.78 -24.24
N THR A 145 -21.02 0.51 -24.30
CA THR A 145 -19.89 0.03 -23.52
C THR A 145 -18.77 -0.41 -24.46
N THR A 146 -17.53 -0.12 -24.06
CA THR A 146 -16.38 -0.52 -24.85
C THR A 146 -16.21 -2.04 -24.81
N PRO A 147 -15.62 -2.63 -25.85
CA PRO A 147 -15.39 -4.09 -25.82
C PRO A 147 -14.49 -4.54 -24.70
N ALA A 148 -13.49 -3.74 -24.32
CA ALA A 148 -12.56 -4.15 -23.27
C ALA A 148 -13.25 -4.25 -21.92
N ALA A 149 -14.08 -3.25 -21.59
CA ALA A 149 -14.78 -3.26 -20.31
C ALA A 149 -15.76 -4.43 -20.23
N GLU A 150 -16.49 -4.69 -21.31
CA GLU A 150 -17.41 -5.82 -21.32
C GLU A 150 -16.67 -7.14 -21.20
N TYR A 151 -15.53 -7.27 -21.88
CA TYR A 151 -14.72 -8.47 -21.72
C TYR A 151 -14.30 -8.65 -20.27
N PHE A 152 -13.72 -7.60 -19.67
CA PHE A 152 -13.22 -7.72 -18.30
C PHE A 152 -14.33 -8.05 -17.32
N GLU A 153 -15.52 -7.48 -17.52
CA GLU A 153 -16.61 -7.64 -16.56
C GLU A 153 -17.54 -8.80 -16.88
N ARG A 154 -17.36 -9.50 -18.00
CA ARG A 154 -18.28 -10.58 -18.35
C ARG A 154 -17.62 -11.88 -18.79
N GLY A 155 -16.33 -11.89 -19.13
CA GLY A 155 -15.68 -13.11 -19.54
C GLY A 155 -14.52 -13.46 -18.64
N VAL A 156 -14.19 -12.55 -17.73
CA VAL A 156 -13.15 -12.76 -16.74
C VAL A 156 -13.71 -12.84 -15.33
N LEU A 157 -14.63 -11.94 -14.98
CA LEU A 157 -15.21 -11.90 -13.66
C LEU A 157 -16.61 -12.51 -13.60
N HIS A 158 -17.36 -12.45 -14.69
CA HIS A 158 -18.76 -12.90 -14.72
C HIS A 158 -19.57 -12.21 -13.64
N LEU A 159 -19.45 -10.88 -13.59
CA LEU A 159 -20.07 -10.07 -12.55
C LEU A 159 -21.56 -9.84 -12.79
N HIS A 160 -22.07 -10.10 -13.98
CA HIS A 160 -23.46 -9.79 -14.29
C HIS A 160 -24.45 -10.81 -13.72
N GLN A 161 -23.96 -11.92 -13.15
CA GLN A 161 -24.81 -12.95 -12.61
C GLN A 161 -25.01 -12.84 -11.10
N SER A 162 -24.47 -11.80 -10.48
CA SER A 162 -24.58 -11.60 -9.04
C SER A 162 -25.34 -10.31 -8.76
N HIS A 163 -26.34 -10.39 -7.87
CA HIS A 163 -27.09 -9.20 -7.50
C HIS A 163 -26.21 -8.19 -6.77
N GLY A 164 -25.40 -8.66 -5.83
CA GLY A 164 -24.56 -7.77 -5.04
C GLY A 164 -23.68 -8.51 -4.07
N ILE A 165 -23.37 -7.88 -2.93
CA ILE A 165 -22.54 -8.53 -1.92
C ILE A 165 -23.32 -9.52 -1.07
N ASP A 166 -24.64 -9.58 -1.22
CA ASP A 166 -25.46 -10.54 -0.51
C ASP A 166 -25.65 -11.84 -1.29
N ASP A 167 -25.17 -11.91 -2.53
CA ASP A 167 -25.26 -13.11 -3.36
C ASP A 167 -23.98 -13.21 -4.17
N LEU A 168 -23.00 -13.95 -3.66
CA LEU A 168 -21.72 -14.11 -4.31
C LEU A 168 -21.60 -15.37 -5.15
N GLY A 169 -22.31 -16.43 -4.79
CA GLY A 169 -22.25 -17.67 -5.54
C GLY A 169 -20.98 -18.46 -5.27
N PRO A 170 -20.76 -19.51 -6.04
CA PRO A 170 -19.55 -20.32 -5.86
C PRO A 170 -18.38 -19.71 -6.59
N PRO A 171 -17.16 -19.97 -6.14
CA PRO A 171 -15.97 -19.43 -6.84
C PRO A 171 -15.80 -20.07 -8.20
N ARG A 172 -15.21 -19.30 -9.11
CA ARG A 172 -14.91 -19.79 -10.45
C ARG A 172 -13.67 -20.67 -10.43
N TRP A 173 -13.72 -21.77 -11.19
CA TRP A 173 -12.56 -22.66 -11.23
C TRP A 173 -11.45 -22.08 -12.08
N GLN A 174 -11.78 -21.24 -13.06
CA GLN A 174 -10.75 -20.65 -13.91
C GLN A 174 -9.80 -19.77 -13.11
N LEU A 175 -10.34 -18.97 -12.19
CA LEU A 175 -9.49 -18.10 -11.37
C LEU A 175 -8.88 -18.85 -10.19
N THR A 176 -9.54 -19.91 -9.70
CA THR A 176 -8.94 -20.73 -8.67
C THR A 176 -7.71 -21.46 -9.20
N ALA A 177 -7.75 -21.89 -10.46
CA ALA A 177 -6.61 -22.59 -11.05
C ALA A 177 -5.41 -21.68 -11.22
N CYS A 178 -5.58 -20.37 -11.11
CA CYS A 178 -4.47 -19.42 -11.09
C CYS A 178 -4.08 -19.00 -9.67
N LEU A 179 -5.06 -18.89 -8.79
CA LEU A 179 -4.76 -18.61 -7.39
C LEU A 179 -3.91 -19.73 -6.79
N VAL A 180 -4.19 -20.98 -7.14
CA VAL A 180 -3.41 -22.10 -6.64
C VAL A 180 -1.95 -22.00 -7.10
N LEU A 181 -1.75 -21.67 -8.38
CA LEU A 181 -0.39 -21.53 -8.90
C LEU A 181 0.35 -20.40 -8.19
N VAL A 182 -0.33 -19.27 -7.97
CA VAL A 182 0.32 -18.14 -7.29
C VAL A 182 0.68 -18.52 -5.87
N ILE A 183 -0.22 -19.22 -5.17
CA ILE A 183 0.04 -19.63 -3.79
C ILE A 183 1.21 -20.60 -3.72
N VAL A 184 1.27 -21.55 -4.65
CA VAL A 184 2.36 -22.52 -4.65
C VAL A 184 3.69 -21.83 -4.92
N LEU A 185 3.71 -20.90 -5.87
CA LEU A 185 4.94 -20.16 -6.17
C LEU A 185 5.38 -19.36 -4.94
N LEU A 186 4.44 -18.70 -4.27
CA LEU A 186 4.78 -17.93 -3.08
C LEU A 186 5.38 -18.83 -2.00
N TYR A 187 4.74 -19.96 -1.73
CA TYR A 187 5.23 -20.84 -0.68
C TYR A 187 6.61 -21.38 -1.01
N PHE A 188 6.82 -21.82 -2.26
CA PHE A 188 8.11 -22.38 -2.61
C PHE A 188 9.19 -21.32 -2.76
N SER A 189 8.82 -20.04 -2.84
CA SER A 189 9.80 -18.98 -2.74
C SER A 189 9.98 -18.46 -1.31
N LEU A 190 9.14 -18.91 -0.38
CA LEU A 190 9.23 -18.46 1.02
C LEU A 190 9.63 -19.54 2.00
N TRP A 191 9.40 -20.82 1.67
CA TRP A 191 9.54 -21.90 2.65
C TRP A 191 10.99 -22.07 3.09
N VAL A 201 18.77 -10.88 -11.33
CA VAL A 201 17.50 -10.19 -11.21
C VAL A 201 17.62 -8.76 -11.70
N TRP A 202 18.66 -8.50 -12.50
CA TRP A 202 18.86 -7.15 -13.03
C TRP A 202 17.69 -6.75 -13.93
N ILE A 203 17.25 -7.65 -14.80
CA ILE A 203 16.17 -7.35 -15.73
C ILE A 203 14.84 -7.21 -15.00
N THR A 204 14.71 -7.81 -13.82
CA THR A 204 13.45 -7.73 -13.07
C THR A 204 13.13 -6.28 -12.68
N ALA A 205 14.14 -5.53 -12.27
CA ALA A 205 13.92 -4.18 -11.76
C ALA A 205 13.90 -3.11 -12.85
N THR A 206 14.46 -3.39 -14.02
CA THR A 206 14.54 -2.37 -15.07
C THR A 206 13.57 -2.56 -16.22
N MET A 207 12.99 -3.76 -16.37
CA MET A 207 12.00 -3.98 -17.43
C MET A 207 10.79 -3.05 -17.32
N PRO A 208 10.20 -2.80 -16.15
CA PRO A 208 9.06 -1.86 -16.08
C PRO A 208 9.38 -0.50 -16.67
N TYR A 209 10.60 0.01 -16.47
CA TYR A 209 10.96 1.30 -17.03
C TYR A 209 10.87 1.29 -18.55
N VAL A 210 11.41 0.23 -19.18
CA VAL A 210 11.38 0.14 -20.64
C VAL A 210 9.95 0.02 -21.13
N VAL A 211 9.14 -0.83 -20.49
CA VAL A 211 7.76 -1.01 -20.93
C VAL A 211 6.98 0.30 -20.81
N LEU A 212 7.15 0.99 -19.68
CA LEU A 212 6.43 2.25 -19.46
C LEU A 212 6.87 3.32 -20.45
N THR A 213 8.16 3.41 -20.76
CA THR A 213 8.61 4.38 -21.74
C THR A 213 8.05 4.08 -23.13
N ALA A 214 8.05 2.81 -23.52
CA ALA A 214 7.52 2.44 -24.83
C ALA A 214 6.02 2.71 -24.91
N LEU A 215 5.31 2.58 -23.78
CA LEU A 215 3.89 2.94 -23.77
C LEU A 215 3.70 4.45 -23.81
N LEU A 216 4.55 5.19 -23.10
CA LEU A 216 4.41 6.64 -23.02
C LEU A 216 4.65 7.31 -24.37
N LEU A 217 5.62 6.81 -25.14
CA LEU A 217 5.87 7.39 -26.46
C LEU A 217 4.63 7.32 -27.33
N ARG A 218 4.01 6.13 -27.40
CA ARG A 218 2.80 5.97 -28.21
C ARG A 218 1.65 6.79 -27.64
N GLY A 219 1.53 6.83 -26.31
CA GLY A 219 0.43 7.59 -25.71
C GLY A 219 0.52 9.08 -26.02
N VAL A 220 1.73 9.64 -25.95
CA VAL A 220 1.90 11.06 -26.26
C VAL A 220 1.70 11.31 -27.74
N THR A 221 2.25 10.44 -28.60
CA THR A 221 2.11 10.66 -30.03
C THR A 221 0.70 10.40 -30.54
N LEU A 222 -0.18 9.80 -29.73
CA LEU A 222 -1.52 9.48 -30.18
C LEU A 222 -2.36 10.74 -30.30
N PRO A 223 -3.23 10.82 -31.32
CA PRO A 223 -4.08 12.00 -31.45
C PRO A 223 -5.14 12.06 -30.36
N GLY A 224 -5.54 13.29 -30.02
CA GLY A 224 -6.56 13.48 -29.02
C GLY A 224 -6.13 13.19 -27.60
N ALA A 225 -4.83 13.21 -27.32
CA ALA A 225 -4.32 13.02 -25.97
C ALA A 225 -4.00 14.33 -25.27
N ILE A 226 -3.92 15.44 -26.00
CA ILE A 226 -3.63 16.73 -25.38
C ILE A 226 -4.76 17.12 -24.44
N ASP A 227 -6.01 16.81 -24.80
CA ASP A 227 -7.14 17.03 -23.92
C ASP A 227 -7.16 16.07 -22.74
N GLY A 228 -6.35 15.02 -22.77
CA GLY A 228 -6.24 14.11 -21.65
C GLY A 228 -5.07 14.46 -20.76
N ILE A 229 -4.14 15.25 -21.29
CA ILE A 229 -3.06 15.79 -20.48
C ILE A 229 -3.47 17.09 -19.79
N ARG A 230 -4.25 17.91 -20.48
CA ARG A 230 -4.74 19.16 -19.90
C ARG A 230 -5.65 18.88 -18.69
N ALA A 231 -6.50 17.87 -18.79
CA ALA A 231 -7.34 17.49 -17.66
C ALA A 231 -6.54 16.89 -16.51
N TYR A 232 -5.30 16.49 -16.77
CA TYR A 232 -4.40 15.99 -15.73
C TYR A 232 -3.64 17.10 -15.04
N LEU A 233 -3.14 18.06 -15.81
CA LEU A 233 -2.40 19.20 -15.25
C LEU A 233 -3.33 20.41 -15.06
N SER A 234 -4.38 20.19 -14.27
CA SER A 234 -5.32 21.25 -13.96
C SER A 234 -5.97 20.94 -12.61
N VAL A 235 -6.11 21.99 -11.79
CA VAL A 235 -6.62 21.85 -10.44
C VAL A 235 -7.95 22.59 -10.34
N ASP A 236 -8.96 21.92 -9.79
CA ASP A 236 -10.25 22.53 -9.52
C ASP A 236 -10.35 22.81 -8.03
N PHE A 237 -10.51 24.09 -7.67
CA PHE A 237 -10.58 24.48 -6.27
C PHE A 237 -11.83 23.95 -5.58
N TYR A 238 -12.88 23.60 -6.34
CA TYR A 238 -14.12 23.14 -5.75
C TYR A 238 -13.91 21.83 -4.98
N ARG A 239 -13.14 20.90 -5.54
CA ARG A 239 -12.93 19.61 -4.89
C ARG A 239 -11.82 19.62 -3.86
N LEU A 240 -11.04 20.71 -3.78
CA LEU A 240 -10.02 20.80 -2.75
C LEU A 240 -10.61 21.04 -1.36
N CYS A 241 -11.87 21.45 -1.29
CA CYS A 241 -12.55 21.70 -0.03
C CYS A 241 -13.31 20.49 0.49
N GLU A 242 -13.04 19.31 -0.07
CA GLU A 242 -13.60 18.06 0.44
C GLU A 242 -12.63 17.44 1.43
N ALA A 243 -12.88 16.19 1.81
CA ALA A 243 -12.01 15.49 2.74
C ALA A 243 -11.53 14.17 2.15
N SER A 244 -12.33 13.62 1.22
CA SER A 244 -11.98 12.35 0.61
C SER A 244 -10.65 12.42 -0.12
N VAL A 245 -10.38 13.54 -0.80
CA VAL A 245 -9.12 13.69 -1.53
C VAL A 245 -7.94 13.68 -0.56
N TRP A 246 -8.06 14.39 0.56
CA TRP A 246 -6.97 14.44 1.52
C TRP A 246 -6.74 13.07 2.14
N ILE A 247 -7.81 12.35 2.49
CA ILE A 247 -7.66 11.02 3.06
C ILE A 247 -7.00 10.08 2.04
N ASP A 248 -7.43 10.15 0.78
CA ASP A 248 -6.86 9.30 -0.25
C ASP A 248 -5.38 9.59 -0.44
N ALA A 249 -5.00 10.86 -0.47
CA ALA A 249 -3.59 11.21 -0.61
C ALA A 249 -2.78 10.73 0.58
N ALA A 250 -3.31 10.89 1.79
CA ALA A 250 -2.60 10.46 2.99
C ALA A 250 -2.37 8.96 2.99
N THR A 251 -3.37 8.18 2.58
CA THR A 251 -3.19 6.73 2.55
C THR A 251 -2.29 6.31 1.38
N GLN A 252 -2.37 7.02 0.26
CA GLN A 252 -1.56 6.66 -0.90
C GLN A 252 -0.08 6.94 -0.67
N VAL A 253 0.25 7.98 0.10
CA VAL A 253 1.65 8.23 0.41
C VAL A 253 2.23 7.05 1.19
N CYS A 254 1.50 6.56 2.18
CA CYS A 254 1.95 5.40 2.94
C CYS A 254 2.05 4.16 2.05
N PHE A 255 1.08 3.96 1.16
CA PHE A 255 1.12 2.80 0.28
C PHE A 255 2.33 2.85 -0.66
N SER A 256 2.59 4.01 -1.25
CA SER A 256 3.66 4.12 -2.23
C SER A 256 5.04 4.03 -1.57
N LEU A 257 5.24 4.80 -0.49
CA LEU A 257 6.54 4.79 0.15
C LEU A 257 6.81 3.48 0.88
N GLY A 258 5.76 2.87 1.44
CA GLY A 258 5.90 1.62 2.14
C GLY A 258 5.93 1.73 3.65
N VAL A 259 5.74 2.92 4.21
CA VAL A 259 5.74 3.09 5.66
C VAL A 259 4.39 2.65 6.21
N GLY A 260 4.41 2.19 7.47
CA GLY A 260 3.20 1.75 8.14
C GLY A 260 2.89 0.27 8.02
N PHE A 261 3.63 -0.47 7.19
CA PHE A 261 3.45 -1.91 7.06
C PHE A 261 4.49 -2.71 7.83
N GLY A 262 5.57 -2.09 8.26
CA GLY A 262 6.63 -2.79 8.96
C GLY A 262 7.63 -3.48 8.07
N VAL A 263 7.51 -3.35 6.74
CA VAL A 263 8.47 -3.98 5.86
C VAL A 263 9.78 -3.21 5.85
N LEU A 264 9.74 -1.91 6.18
CA LEU A 264 10.97 -1.12 6.19
C LEU A 264 11.90 -1.53 7.32
N ILE A 265 11.35 -1.74 8.52
CA ILE A 265 12.17 -2.19 9.64
C ILE A 265 12.72 -3.58 9.37
N ALA A 266 11.90 -4.46 8.82
CA ALA A 266 12.35 -5.81 8.51
C ALA A 266 13.47 -5.81 7.47
N PHE A 267 13.35 -4.96 6.45
CA PHE A 267 14.38 -4.88 5.44
C PHE A 267 15.66 -4.25 5.99
N SER A 268 15.53 -3.26 6.86
CA SER A 268 16.69 -2.59 7.42
C SER A 268 17.33 -3.35 8.58
N SER A 269 16.67 -4.40 9.08
CA SER A 269 17.24 -5.18 10.17
C SER A 269 18.60 -5.77 9.80
N TYR A 270 18.77 -6.19 8.54
CA TYR A 270 20.01 -6.77 8.06
C TYR A 270 20.74 -5.82 7.11
N ASN A 271 20.69 -4.52 7.42
CA ASN A 271 21.45 -3.51 6.70
C ASN A 271 22.81 -3.30 7.37
N LYS A 272 23.67 -2.57 6.69
CA LYS A 272 24.98 -2.22 7.27
C LYS A 272 24.79 -1.20 8.38
N PHE A 273 25.46 -1.42 9.50
CA PHE A 273 25.27 -0.55 10.66
C PHE A 273 25.76 0.87 10.42
N THR A 274 26.65 1.07 9.45
CA THR A 274 27.21 2.39 9.18
C THR A 274 26.59 3.06 7.95
N ASN A 275 25.49 2.51 7.43
CA ASN A 275 24.91 3.04 6.20
C ASN A 275 24.35 4.44 6.41
N ASN A 276 24.60 5.33 5.45
CA ASN A 276 24.01 6.65 5.46
C ASN A 276 22.51 6.55 5.19
N CYS A 277 21.73 7.37 5.89
CA CYS A 277 20.27 7.28 5.84
C CYS A 277 19.60 8.43 5.10
N TYR A 278 20.10 9.66 5.25
CA TYR A 278 19.46 10.78 4.58
C TYR A 278 19.59 10.67 3.06
N ARG A 279 20.73 10.20 2.58
CA ARG A 279 20.90 9.98 1.15
C ARG A 279 20.00 8.86 0.64
N ASP A 280 19.78 7.83 1.46
CA ASP A 280 18.87 6.76 1.07
C ASP A 280 17.41 7.17 1.15
N ALA A 281 17.09 8.20 1.93
CA ALA A 281 15.71 8.63 2.07
C ALA A 281 15.32 9.72 1.07
N ILE A 282 16.27 10.53 0.61
CA ILE A 282 15.93 11.59 -0.34
C ILE A 282 15.76 11.04 -1.75
N VAL A 283 16.74 10.23 -2.20
CA VAL A 283 16.75 9.74 -3.57
C VAL A 283 15.56 8.81 -3.82
N THR A 284 15.27 7.92 -2.88
CA THR A 284 14.15 7.01 -3.04
C THR A 284 12.83 7.76 -3.18
N THR A 285 12.62 8.77 -2.34
CA THR A 285 11.40 9.56 -2.43
C THR A 285 11.31 10.32 -3.75
N SER A 286 12.43 10.89 -4.19
CA SER A 286 12.42 11.63 -5.46
C SER A 286 12.05 10.72 -6.63
N ILE A 287 12.68 9.55 -6.69
CA ILE A 287 12.42 8.64 -7.82
C ILE A 287 11.01 8.08 -7.73
N ASN A 288 10.51 7.81 -6.52
CA ASN A 288 9.15 7.34 -6.36
C ASN A 288 8.15 8.37 -6.85
N SER A 289 8.36 9.64 -6.50
CA SER A 289 7.48 10.70 -6.97
C SER A 289 7.52 10.81 -8.49
N LEU A 290 8.71 10.74 -9.08
CA LEU A 290 8.81 10.83 -10.53
C LEU A 290 8.09 9.69 -11.23
N THR A 291 8.24 8.47 -10.70
CA THR A 291 7.58 7.32 -11.31
C THR A 291 6.06 7.41 -11.18
N SER A 292 5.57 7.86 -10.02
CA SER A 292 4.13 8.02 -9.85
C SER A 292 3.58 9.05 -10.83
N PHE A 293 4.28 10.18 -10.98
CA PHE A 293 3.83 11.20 -11.92
C PHE A 293 3.80 10.67 -13.35
N SER A 294 4.83 9.91 -13.73
CA SER A 294 4.87 9.36 -15.09
C SER A 294 3.73 8.37 -15.32
N SER A 295 3.43 7.53 -14.32
CA SER A 295 2.35 6.56 -14.47
C SER A 295 1.01 7.26 -14.66
N GLY A 296 0.73 8.25 -13.80
CA GLY A 296 -0.50 9.02 -13.98
C GLY A 296 -0.57 9.70 -15.33
N PHE A 297 0.56 10.26 -15.78
CA PHE A 297 0.62 10.91 -17.08
C PHE A 297 0.23 9.97 -18.20
N VAL A 298 0.80 8.77 -18.20
CA VAL A 298 0.52 7.81 -19.27
C VAL A 298 -0.96 7.41 -19.25
N VAL A 299 -1.47 7.09 -18.06
CA VAL A 299 -2.86 6.63 -17.96
C VAL A 299 -3.82 7.72 -18.43
N PHE A 300 -3.56 8.97 -18.03
CA PHE A 300 -4.49 10.03 -18.40
C PHE A 300 -4.38 10.41 -19.87
N SER A 301 -3.18 10.30 -20.46
CA SER A 301 -3.07 10.53 -21.90
C SER A 301 -3.87 9.49 -22.69
N PHE A 302 -3.77 8.22 -22.30
CA PHE A 302 -4.56 7.21 -23.00
C PHE A 302 -6.05 7.39 -22.73
N LEU A 303 -6.42 7.82 -21.53
CA LEU A 303 -7.83 8.11 -21.24
C LEU A 303 -8.34 9.22 -22.15
N GLY A 304 -7.54 10.27 -22.35
CA GLY A 304 -7.95 11.33 -23.24
C GLY A 304 -8.12 10.86 -24.68
N TYR A 305 -7.21 10.01 -25.15
CA TYR A 305 -7.38 9.49 -26.51
C TYR A 305 -8.65 8.65 -26.64
N MET A 306 -8.93 7.79 -25.66
CA MET A 306 -10.13 6.97 -25.74
C MET A 306 -11.39 7.83 -25.67
N ALA A 307 -11.39 8.85 -24.81
CA ALA A 307 -12.54 9.73 -24.73
C ALA A 307 -12.76 10.47 -26.04
N GLN A 308 -11.68 10.87 -26.71
CA GLN A 308 -11.81 11.50 -28.02
C GLN A 308 -12.39 10.53 -29.03
N LYS A 309 -11.94 9.27 -29.01
CA LYS A 309 -12.39 8.30 -30.01
C LYS A 309 -13.86 7.95 -29.82
N HIS A 310 -14.30 7.76 -28.57
CA HIS A 310 -15.65 7.27 -28.30
C HIS A 310 -16.67 8.39 -28.11
N SER A 311 -16.26 9.65 -28.27
CA SER A 311 -17.17 10.80 -28.22
C SER A 311 -17.90 10.88 -26.88
N VAL A 312 -17.16 10.72 -25.80
CA VAL A 312 -17.71 10.83 -24.45
C VAL A 312 -16.80 11.75 -23.63
N PRO A 313 -17.33 12.34 -22.56
CA PRO A 313 -16.46 13.09 -21.65
C PRO A 313 -15.45 12.18 -20.96
N ILE A 314 -14.35 12.79 -20.51
CA ILE A 314 -13.27 12.03 -19.90
C ILE A 314 -13.77 11.31 -18.64
N GLY A 315 -14.64 11.95 -17.88
CA GLY A 315 -15.16 11.34 -16.67
C GLY A 315 -16.21 10.29 -16.88
N ASP A 316 -16.64 10.07 -18.12
CA ASP A 316 -17.69 9.11 -18.43
C ASP A 316 -17.14 7.81 -19.00
N VAL A 317 -15.98 7.86 -19.66
CA VAL A 317 -15.48 6.72 -20.43
C VAL A 317 -15.17 5.50 -19.58
N ALA A 318 -15.11 5.61 -18.26
CA ALA A 318 -14.80 4.47 -17.42
C ALA A 318 -15.40 4.67 -16.03
N LYS A 319 -15.47 3.59 -15.28
CA LYS A 319 -15.92 3.61 -13.89
C LYS A 319 -14.72 3.67 -12.97
N ASP A 320 -14.76 4.57 -11.99
CA ASP A 320 -13.65 4.75 -11.05
C ASP A 320 -13.64 3.59 -10.07
N GLY A 321 -13.10 2.46 -10.52
CA GLY A 321 -13.00 1.28 -9.71
C GLY A 321 -11.59 0.71 -9.70
N PRO A 322 -11.38 -0.34 -8.90
CA PRO A 322 -10.03 -0.91 -8.79
C PRO A 322 -9.53 -1.61 -10.04
N GLY A 323 -10.34 -1.70 -11.09
CA GLY A 323 -9.92 -2.38 -12.31
C GLY A 323 -9.77 -1.45 -13.48
N LEU A 324 -9.22 -0.26 -13.25
CA LEU A 324 -9.06 0.70 -14.34
C LEU A 324 -7.93 0.30 -15.28
N ILE A 325 -6.83 -0.20 -14.73
CA ILE A 325 -5.68 -0.57 -15.56
C ILE A 325 -5.90 -1.87 -16.31
N PHE A 326 -6.95 -2.62 -16.00
CA PHE A 326 -7.34 -3.80 -16.76
C PHE A 326 -8.35 -3.48 -17.85
N ILE A 327 -8.72 -2.21 -18.00
CA ILE A 327 -9.65 -1.78 -19.04
C ILE A 327 -8.95 -0.78 -19.94
N ILE A 328 -7.98 -0.06 -19.38
CA ILE A 328 -7.29 0.99 -20.15
C ILE A 328 -6.09 0.42 -20.91
N TYR A 329 -5.29 -0.40 -20.26
CA TYR A 329 -4.01 -0.84 -20.82
C TYR A 329 -4.17 -1.90 -21.92
N PRO A 330 -5.12 -2.84 -21.82
CA PRO A 330 -5.35 -3.73 -22.98
C PRO A 330 -5.68 -2.98 -24.26
N GLU A 331 -6.47 -1.91 -24.19
CA GLU A 331 -6.76 -1.13 -25.38
C GLU A 331 -5.50 -0.44 -25.91
N ALA A 332 -4.68 0.10 -25.01
CA ALA A 332 -3.44 0.73 -25.42
C ALA A 332 -2.51 -0.27 -26.10
N ILE A 333 -2.44 -1.49 -25.58
CA ILE A 333 -1.64 -2.53 -26.22
C ILE A 333 -2.23 -2.88 -27.58
N ALA A 334 -3.56 -2.93 -27.67
CA ALA A 334 -4.21 -3.29 -28.93
C ALA A 334 -3.91 -2.27 -30.03
N THR A 335 -3.91 -0.98 -29.69
CA THR A 335 -3.68 0.04 -30.71
C THR A 335 -2.24 0.07 -31.21
N LEU A 336 -1.32 -0.64 -30.57
CA LEU A 336 0.11 -0.72 -30.80
C LEU A 336 0.45 -1.85 -31.77
N PRO A 337 1.34 -1.61 -32.73
CA PRO A 337 1.65 -2.66 -33.72
C PRO A 337 2.20 -3.92 -33.08
N LEU A 338 1.81 -5.06 -33.64
CA LEU A 338 2.18 -6.39 -33.13
C LEU A 338 1.79 -6.50 -31.65
N SER A 339 0.47 -6.44 -31.42
CA SER A 339 -0.05 -6.31 -30.07
C SER A 339 0.20 -7.55 -29.20
N SER A 340 0.38 -8.72 -29.80
CA SER A 340 0.50 -9.94 -29.01
C SER A 340 1.78 -9.92 -28.15
N ALA A 341 2.91 -9.62 -28.78
CA ALA A 341 4.17 -9.59 -28.03
C ALA A 341 4.16 -8.51 -26.95
N TRP A 342 3.60 -7.34 -27.27
CA TRP A 342 3.52 -6.26 -26.29
C TRP A 342 2.65 -6.67 -25.11
N ALA A 343 1.52 -7.33 -25.38
CA ALA A 343 0.67 -7.80 -24.29
C ALA A 343 1.39 -8.83 -23.43
N VAL A 344 2.10 -9.76 -24.05
CA VAL A 344 2.81 -10.79 -23.29
C VAL A 344 3.85 -10.15 -22.39
N VAL A 345 4.63 -9.21 -22.93
CA VAL A 345 5.68 -8.56 -22.13
C VAL A 345 5.06 -7.75 -20.99
N PHE A 346 4.01 -6.98 -21.29
CA PHE A 346 3.40 -6.16 -20.25
C PHE A 346 2.85 -7.01 -19.11
N PHE A 347 2.18 -8.12 -19.45
CA PHE A 347 1.59 -8.92 -18.40
C PHE A 347 2.63 -9.73 -17.63
N ILE A 348 3.73 -10.14 -18.28
CA ILE A 348 4.83 -10.73 -17.55
C ILE A 348 5.39 -9.73 -16.54
N MET A 349 5.59 -8.48 -16.97
CA MET A 349 6.11 -7.45 -16.07
C MET A 349 5.17 -7.23 -14.88
N LEU A 350 3.87 -7.14 -15.15
CA LEU A 350 2.91 -6.93 -14.08
C LEU A 350 2.90 -8.12 -13.13
N LEU A 351 3.02 -9.34 -13.66
CA LEU A 351 3.04 -10.52 -12.81
C LEU A 351 4.23 -10.51 -11.87
N THR A 352 5.41 -10.18 -12.40
CA THR A 352 6.60 -10.13 -11.55
C THR A 352 6.47 -9.05 -10.49
N LEU A 353 5.96 -7.87 -10.87
CA LEU A 353 5.79 -6.80 -9.90
C LEU A 353 4.85 -7.22 -8.78
N GLY A 354 3.71 -7.82 -9.12
CA GLY A 354 2.76 -8.24 -8.11
C GLY A 354 3.32 -9.34 -7.21
N ILE A 355 4.06 -10.29 -7.80
CA ILE A 355 4.64 -11.36 -7.01
C ILE A 355 5.61 -10.80 -5.98
N ASP A 356 6.47 -9.87 -6.42
CA ASP A 356 7.41 -9.26 -5.48
C ASP A 356 6.68 -8.49 -4.38
N SER A 357 5.64 -7.74 -4.74
CA SER A 357 4.92 -6.95 -3.75
C SER A 357 4.25 -7.83 -2.71
N ALA A 358 3.64 -8.93 -3.13
CA ALA A 358 3.03 -9.84 -2.17
C ALA A 358 4.08 -10.54 -1.31
N MET A 359 5.19 -10.94 -1.93
CA MET A 359 6.23 -11.68 -1.21
C MET A 359 6.84 -10.82 -0.12
N GLY A 360 7.00 -9.52 -0.37
CA GLY A 360 7.58 -8.65 0.66
C GLY A 360 6.77 -8.65 1.94
N GLY A 361 5.47 -8.39 1.84
CA GLY A 361 4.62 -8.39 3.01
C GLY A 361 4.50 -9.76 3.66
N MET A 362 4.44 -10.80 2.84
CA MET A 362 4.35 -12.16 3.38
C MET A 362 5.58 -12.48 4.23
N GLU A 363 6.77 -12.17 3.70
CA GLU A 363 7.99 -12.40 4.45
C GLU A 363 8.05 -11.54 5.70
N SER A 364 7.57 -10.29 5.61
CA SER A 364 7.54 -9.44 6.79
C SER A 364 6.73 -10.07 7.92
N VAL A 365 5.52 -10.53 7.59
CA VAL A 365 4.66 -11.15 8.59
C VAL A 365 5.32 -12.40 9.16
N ILE A 366 5.86 -13.24 8.29
CA ILE A 366 6.47 -14.50 8.74
C ILE A 366 7.62 -14.22 9.69
N THR A 367 8.53 -13.31 9.30
CA THR A 367 9.69 -13.02 10.11
C THR A 367 9.30 -12.39 11.45
N GLY A 368 8.34 -11.46 11.44
CA GLY A 368 7.94 -10.83 12.68
C GLY A 368 7.35 -11.83 13.66
N LEU A 369 6.42 -12.67 13.18
CA LEU A 369 5.81 -13.65 14.08
C LEU A 369 6.82 -14.69 14.54
N ILE A 370 7.78 -15.05 13.68
CA ILE A 370 8.77 -16.05 14.08
C ILE A 370 9.70 -15.49 15.15
N ASP A 371 10.14 -14.24 14.98
CA ASP A 371 11.09 -13.67 15.92
C ASP A 371 10.42 -13.29 17.24
N GLU A 372 9.14 -12.93 17.21
CA GLU A 372 8.49 -12.49 18.44
C GLU A 372 8.34 -13.62 19.46
N PHE A 373 7.87 -14.79 19.01
CA PHE A 373 7.56 -15.89 19.91
C PHE A 373 8.63 -16.98 19.81
N GLN A 374 9.12 -17.43 20.95
CA GLN A 374 10.17 -18.43 21.00
C GLN A 374 9.67 -19.85 20.79
N LEU A 375 8.35 -20.07 20.84
CA LEU A 375 7.82 -21.41 20.63
C LEU A 375 8.07 -21.89 19.21
N LEU A 376 7.95 -21.00 18.23
CA LEU A 376 8.09 -21.35 16.81
C LEU A 376 9.52 -21.14 16.34
N HIS A 377 10.45 -21.82 17.01
CA HIS A 377 11.86 -21.68 16.67
C HIS A 377 12.29 -22.60 15.53
N ARG A 378 11.97 -23.89 15.62
CA ARG A 378 12.35 -24.85 14.59
C ARG A 378 11.20 -25.24 13.68
N HIS A 379 9.95 -25.09 14.13
CA HIS A 379 8.77 -25.39 13.31
C HIS A 379 8.48 -24.19 12.41
N ARG A 380 9.36 -23.99 11.44
CA ARG A 380 9.19 -22.90 10.49
C ARG A 380 8.41 -23.32 9.25
N GLU A 381 8.70 -24.51 8.71
CA GLU A 381 8.01 -24.97 7.51
C GLU A 381 6.53 -25.18 7.77
N LEU A 382 6.17 -25.77 8.91
CA LEU A 382 4.77 -26.00 9.23
C LEU A 382 4.02 -24.69 9.39
N PHE A 383 4.62 -23.73 10.10
CA PHE A 383 3.98 -22.43 10.28
C PHE A 383 3.80 -21.71 8.95
N THR A 384 4.83 -21.72 8.10
CA THR A 384 4.72 -21.06 6.81
C THR A 384 3.65 -21.71 5.95
N LEU A 385 3.59 -23.04 5.93
CA LEU A 385 2.58 -23.73 5.15
C LEU A 385 1.19 -23.42 5.65
N PHE A 386 1.00 -23.40 6.98
CA PHE A 386 -0.33 -23.12 7.51
C PHE A 386 -0.75 -21.68 7.24
N ILE A 387 0.18 -20.73 7.33
CA ILE A 387 -0.19 -19.34 7.06
C ILE A 387 -0.51 -19.14 5.59
N VAL A 388 0.26 -19.79 4.70
CA VAL A 388 -0.04 -19.73 3.27
C VAL A 388 -1.41 -20.33 2.97
N LEU A 389 -1.71 -21.47 3.59
CA LEU A 389 -3.02 -22.08 3.42
C LEU A 389 -4.12 -21.15 3.92
N ALA A 390 -3.89 -20.47 5.04
CA ALA A 390 -4.89 -19.55 5.56
C ALA A 390 -5.13 -18.38 4.62
N THR A 391 -4.07 -17.77 4.08
CA THR A 391 -4.28 -16.62 3.20
C THR A 391 -4.93 -17.06 1.89
N PHE A 392 -4.64 -18.28 1.42
CA PHE A 392 -5.36 -18.78 0.25
C PHE A 392 -6.85 -18.95 0.56
N LEU A 393 -7.16 -19.61 1.68
CA LEU A 393 -8.56 -19.88 2.00
C LEU A 393 -9.34 -18.60 2.30
N LEU A 394 -8.65 -17.53 2.70
CA LEU A 394 -9.35 -16.26 2.96
C LEU A 394 -9.32 -15.31 1.78
N SER A 395 -8.45 -15.54 0.78
CA SER A 395 -8.55 -14.83 -0.49
C SER A 395 -9.45 -15.54 -1.48
N LEU A 396 -9.93 -16.74 -1.14
CA LEU A 396 -10.89 -17.43 -1.98
C LEU A 396 -12.21 -16.68 -2.14
N PHE A 397 -12.48 -15.71 -1.28
CA PHE A 397 -13.76 -15.01 -1.34
C PHE A 397 -13.85 -14.06 -2.53
N CYS A 398 -12.72 -13.52 -2.99
CA CYS A 398 -12.70 -12.50 -4.03
C CYS A 398 -12.75 -13.07 -5.45
N VAL A 399 -12.77 -14.40 -5.59
CA VAL A 399 -12.82 -15.01 -6.91
C VAL A 399 -14.19 -15.64 -7.18
N THR A 400 -15.21 -15.21 -6.46
CA THR A 400 -16.58 -15.64 -6.70
C THR A 400 -17.18 -14.79 -7.82
N ASN A 401 -18.50 -14.88 -8.01
CA ASN A 401 -19.17 -14.03 -9.00
C ASN A 401 -18.99 -12.56 -8.66
N GLY A 402 -19.53 -12.13 -7.53
CA GLY A 402 -19.40 -10.76 -7.09
C GLY A 402 -18.17 -10.53 -6.25
N GLY A 403 -17.00 -10.90 -6.77
CA GLY A 403 -15.77 -10.70 -6.04
C GLY A 403 -15.26 -9.27 -6.04
N ILE A 404 -15.70 -8.46 -7.01
CA ILE A 404 -15.29 -7.07 -7.03
C ILE A 404 -15.82 -6.32 -5.83
N TYR A 405 -17.03 -6.67 -5.36
CA TYR A 405 -17.57 -6.00 -4.18
C TYR A 405 -16.73 -6.28 -2.93
N VAL A 406 -16.31 -7.54 -2.75
CA VAL A 406 -15.46 -7.87 -1.62
C VAL A 406 -14.09 -7.22 -1.77
N PHE A 407 -13.56 -7.19 -3.00
CA PHE A 407 -12.30 -6.50 -3.23
C PHE A 407 -12.39 -5.03 -2.87
N THR A 408 -13.51 -4.39 -3.22
CA THR A 408 -13.70 -2.98 -2.90
C THR A 408 -13.81 -2.76 -1.39
N LEU A 409 -14.56 -3.62 -0.70
CA LEU A 409 -14.65 -3.51 0.75
C LEU A 409 -13.28 -3.64 1.40
N LEU A 410 -12.51 -4.64 0.99
CA LEU A 410 -11.18 -4.85 1.56
C LEU A 410 -10.26 -3.67 1.25
N ASP A 411 -10.26 -3.19 0.02
CA ASP A 411 -9.40 -2.08 -0.34
C ASP A 411 -9.76 -0.82 0.45
N HIS A 412 -11.05 -0.61 0.69
CA HIS A 412 -11.48 0.58 1.41
C HIS A 412 -11.15 0.50 2.89
N PHE A 413 -11.27 -0.69 3.50
CA PHE A 413 -11.24 -0.78 4.95
C PHE A 413 -9.97 -1.39 5.55
N ALA A 414 -9.17 -2.12 4.78
CA ALA A 414 -7.99 -2.76 5.36
C ALA A 414 -6.96 -1.74 5.80
N ALA A 415 -6.61 -0.80 4.92
CA ALA A 415 -5.66 0.25 5.25
C ALA A 415 -6.36 1.45 5.89
N GLY A 416 -7.29 2.05 5.17
CA GLY A 416 -8.21 3.05 5.68
C GLY A 416 -7.65 4.04 6.69
N THR A 417 -8.29 4.12 7.84
CA THR A 417 -7.81 4.93 8.96
C THR A 417 -6.87 4.17 9.88
N SER A 418 -6.86 2.84 9.82
CA SER A 418 -6.01 2.03 10.67
C SER A 418 -4.53 2.26 10.42
N ILE A 419 -4.13 2.36 9.16
CA ILE A 419 -2.72 2.57 8.84
C ILE A 419 -2.25 3.93 9.33
N LEU A 420 -3.08 4.95 9.16
CA LEU A 420 -2.74 6.28 9.67
C LEU A 420 -2.66 6.29 11.19
N PHE A 421 -3.60 5.59 11.85
CA PHE A 421 -3.56 5.48 13.30
C PHE A 421 -2.27 4.82 13.76
N GLY A 422 -1.87 3.72 13.11
CA GLY A 422 -0.65 3.04 13.51
C GLY A 422 0.59 3.89 13.31
N VAL A 423 0.69 4.57 12.17
CA VAL A 423 1.85 5.42 11.91
C VAL A 423 1.89 6.57 12.91
N LEU A 424 0.74 7.18 13.19
CA LEU A 424 0.69 8.29 14.13
C LEU A 424 1.11 7.84 15.53
N ILE A 425 0.62 6.68 15.97
CA ILE A 425 0.99 6.16 17.28
C ILE A 425 2.49 5.89 17.35
N GLU A 426 3.04 5.28 16.29
CA GLU A 426 4.47 4.99 16.27
C GLU A 426 5.30 6.26 16.37
N ALA A 427 4.92 7.29 15.59
CA ALA A 427 5.66 8.55 15.62
C ALA A 427 5.57 9.20 16.98
N ILE A 428 4.36 9.29 17.55
CA ILE A 428 4.19 9.90 18.87
C ILE A 428 5.04 9.17 19.89
N GLY A 429 5.00 7.84 19.88
CA GLY A 429 5.81 7.05 20.78
C GLY A 429 7.28 7.39 20.67
N VAL A 430 7.88 7.07 19.52
CA VAL A 430 9.32 7.21 19.38
C VAL A 430 9.80 8.65 19.58
N ALA A 431 8.97 9.64 19.31
CA ALA A 431 9.45 11.01 19.50
C ALA A 431 9.22 11.49 20.92
N TRP A 432 7.96 11.57 21.35
CA TRP A 432 7.68 12.15 22.65
C TRP A 432 8.18 11.26 23.79
N PHE A 433 7.87 9.96 23.75
CA PHE A 433 8.22 9.09 24.86
C PHE A 433 9.74 8.92 24.99
N TYR A 434 10.42 8.76 23.85
CA TYR A 434 11.86 8.53 23.86
C TYR A 434 12.64 9.84 23.99
N GLY A 435 12.50 10.73 23.02
CA GLY A 435 13.27 11.95 22.98
C GLY A 435 13.82 12.19 21.60
N VAL A 436 13.47 13.33 20.99
CA VAL A 436 14.07 13.66 19.71
C VAL A 436 15.57 13.91 19.88
N GLY A 437 15.97 14.47 21.02
CA GLY A 437 17.39 14.60 21.29
C GLY A 437 18.10 13.26 21.38
N GLN A 438 17.47 12.28 22.04
CA GLN A 438 18.08 10.97 22.15
C GLN A 438 18.12 10.25 20.80
N PHE A 439 17.06 10.39 20.00
CA PHE A 439 17.05 9.81 18.67
C PHE A 439 18.15 10.42 17.79
N SER A 440 18.31 11.75 17.86
CA SER A 440 19.37 12.40 17.11
C SER A 440 20.75 12.00 17.62
N ASP A 441 20.89 11.78 18.93
CA ASP A 441 22.15 11.30 19.45
C ASP A 441 22.48 9.90 18.94
N ASP A 442 21.47 9.03 18.87
CA ASP A 442 21.68 7.70 18.32
C ASP A 442 22.07 7.77 16.84
N ILE A 443 21.44 8.67 16.08
CA ILE A 443 21.82 8.85 14.69
C ILE A 443 23.24 9.39 14.58
N GLN A 444 23.62 10.29 15.48
CA GLN A 444 24.99 10.80 15.51
C GLN A 444 25.99 9.67 15.76
N GLN A 445 25.67 8.77 16.68
CA GLN A 445 26.55 7.64 16.94
C GLN A 445 26.59 6.67 15.76
N MET A 446 25.47 6.52 15.04
CA MET A 446 25.42 5.57 13.94
C MET A 446 26.16 6.10 12.71
N THR A 447 25.67 7.19 12.13
CA THR A 447 26.32 7.78 10.96
C THR A 447 27.30 8.87 11.40
N GLY A 448 27.74 9.67 10.44
CA GLY A 448 28.73 10.71 10.76
C GLY A 448 28.10 11.94 11.38
N GLN A 449 27.06 12.47 10.76
CA GLN A 449 26.49 13.75 11.12
C GLN A 449 25.30 13.59 12.06
N ARG A 450 24.62 14.71 12.35
CA ARG A 450 23.46 14.75 13.21
C ARG A 450 22.32 15.44 12.48
N PRO A 451 21.08 15.01 12.70
CA PRO A 451 19.94 15.67 12.02
C PRO A 451 19.84 17.14 12.40
N SER A 452 19.46 17.96 11.42
CA SER A 452 19.35 19.39 11.61
C SER A 452 18.02 19.71 12.29
N LEU A 453 17.66 20.99 12.33
CA LEU A 453 16.44 21.39 13.03
C LEU A 453 15.18 21.00 12.26
N TYR A 454 15.26 20.95 10.93
CA TYR A 454 14.08 20.65 10.14
C TYR A 454 13.54 19.25 10.44
N TRP A 455 14.43 18.26 10.46
CA TRP A 455 14.01 16.89 10.73
C TRP A 455 13.47 16.75 12.15
N ARG A 456 14.14 17.38 13.12
CA ARG A 456 13.67 17.30 14.50
C ARG A 456 12.29 17.91 14.64
N LEU A 457 12.07 19.07 14.03
CA LEU A 457 10.76 19.72 14.11
C LEU A 457 9.69 18.90 13.43
N CYS A 458 10.01 18.31 12.27
CA CYS A 458 9.02 17.48 11.57
C CYS A 458 8.66 16.25 12.38
N TRP A 459 9.64 15.62 13.03
CA TRP A 459 9.34 14.46 13.87
C TRP A 459 8.57 14.88 15.11
N LYS A 460 8.83 16.07 15.65
CA LYS A 460 8.25 16.47 16.91
C LYS A 460 6.80 16.94 16.76
N LEU A 461 6.56 17.95 15.93
CA LEU A 461 5.27 18.61 15.92
C LEU A 461 4.53 18.56 14.59
N VAL A 462 5.21 18.79 13.48
CA VAL A 462 4.51 19.04 12.22
C VAL A 462 3.79 17.78 11.73
N SER A 463 4.50 16.64 11.70
CA SER A 463 3.89 15.43 11.17
C SER A 463 2.73 14.92 12.02
N PRO A 464 2.86 14.76 13.35
CA PRO A 464 1.69 14.32 14.13
C PRO A 464 0.52 15.28 14.06
N CYS A 465 0.77 16.59 13.98
CA CYS A 465 -0.32 17.55 13.90
C CYS A 465 -1.13 17.40 12.62
N PHE A 466 -0.56 16.79 11.58
CA PHE A 466 -1.30 16.50 10.37
C PHE A 466 -1.92 15.11 10.40
N LEU A 467 -1.19 14.13 10.95
CA LEU A 467 -1.74 12.78 11.03
C LEU A 467 -2.97 12.71 11.91
N LEU A 468 -2.96 13.40 13.06
CA LEU A 468 -4.11 13.41 13.93
C LEU A 468 -5.32 14.05 13.25
N PHE A 469 -5.10 15.16 12.54
CA PHE A 469 -6.18 15.80 11.81
C PHE A 469 -6.74 14.88 10.74
N VAL A 470 -5.88 14.19 10.02
CA VAL A 470 -6.33 13.27 8.97
C VAL A 470 -7.15 12.14 9.57
N VAL A 471 -6.70 11.60 10.71
CA VAL A 471 -7.43 10.51 11.36
C VAL A 471 -8.81 10.97 11.79
N VAL A 472 -8.87 12.15 12.43
CA VAL A 472 -10.16 12.67 12.90
C VAL A 472 -11.10 12.89 11.73
N VAL A 473 -10.59 13.50 10.66
CA VAL A 473 -11.42 13.79 9.49
C VAL A 473 -11.92 12.50 8.86
N SER A 474 -11.05 11.50 8.74
CA SER A 474 -11.46 10.23 8.14
C SER A 474 -12.54 9.55 8.97
N ILE A 475 -12.41 9.59 10.29
CA ILE A 475 -13.40 8.92 11.14
C ILE A 475 -14.74 9.65 11.07
N VAL A 476 -14.71 10.99 11.08
CA VAL A 476 -15.94 11.76 11.20
C VAL A 476 -16.79 11.64 9.93
N THR A 477 -16.17 11.76 8.76
CA THR A 477 -16.93 11.81 7.52
C THR A 477 -17.55 10.45 7.20
N PHE A 478 -18.62 10.49 6.41
CA PHE A 478 -19.42 9.28 6.13
C PHE A 478 -18.79 8.44 5.02
N ARG A 479 -18.74 8.98 3.80
CA ARG A 479 -18.20 8.39 2.58
C ARG A 479 -18.38 6.88 2.50
N PRO A 480 -19.61 6.38 2.38
CA PRO A 480 -19.80 4.94 2.26
C PRO A 480 -19.19 4.41 0.97
N PRO A 481 -18.70 3.17 0.95
CA PRO A 481 -18.11 2.63 -0.27
C PRO A 481 -19.16 2.31 -1.31
N HIS A 482 -18.72 2.26 -2.57
CA HIS A 482 -19.62 2.00 -3.68
C HIS A 482 -18.81 1.45 -4.85
N TYR A 483 -19.53 0.87 -5.81
CA TYR A 483 -18.94 0.41 -7.07
C TYR A 483 -19.84 0.86 -8.20
N GLY A 484 -19.52 2.00 -8.81
CA GLY A 484 -20.36 2.53 -9.86
C GLY A 484 -21.69 3.00 -9.30
N ALA A 485 -22.79 2.50 -9.90
CA ALA A 485 -24.12 2.85 -9.43
C ALA A 485 -24.56 2.04 -8.21
N TYR A 486 -23.83 0.98 -7.87
CA TYR A 486 -24.20 0.16 -6.73
C TYR A 486 -23.92 0.90 -5.43
N ILE A 487 -24.80 0.70 -4.45
CA ILE A 487 -24.67 1.29 -3.12
C ILE A 487 -24.60 0.15 -2.10
N PHE A 488 -23.55 0.16 -1.30
CA PHE A 488 -23.36 -0.91 -0.32
C PHE A 488 -24.37 -0.79 0.81
N PRO A 489 -24.88 -1.90 1.33
CA PRO A 489 -25.84 -1.84 2.43
C PRO A 489 -25.20 -1.48 3.76
N ASP A 490 -25.99 -1.48 4.83
CA ASP A 490 -25.48 -1.08 6.14
C ASP A 490 -24.58 -2.14 6.77
N TRP A 491 -24.96 -3.42 6.63
CA TRP A 491 -24.19 -4.47 7.28
C TRP A 491 -22.80 -4.60 6.68
N ALA A 492 -22.64 -4.27 5.40
CA ALA A 492 -21.30 -4.24 4.81
C ALA A 492 -20.43 -3.18 5.47
N ASN A 493 -20.99 -2.00 5.72
CA ASN A 493 -20.24 -0.95 6.42
C ASN A 493 -19.91 -1.36 7.84
N ALA A 494 -20.85 -2.01 8.53
CA ALA A 494 -20.58 -2.48 9.88
C ALA A 494 -19.45 -3.51 9.88
N LEU A 495 -19.47 -4.44 8.92
CA LEU A 495 -18.40 -5.43 8.82
C LEU A 495 -17.05 -4.77 8.54
N GLY A 496 -17.03 -3.79 7.63
CA GLY A 496 -15.79 -3.10 7.34
C GLY A 496 -15.22 -2.37 8.54
N TRP A 497 -16.09 -1.68 9.30
CA TRP A 497 -15.63 -1.01 10.49
C TRP A 497 -15.14 -2.01 11.53
N VAL A 498 -15.77 -3.18 11.60
CA VAL A 498 -15.32 -4.22 12.52
C VAL A 498 -13.91 -4.67 12.15
N ILE A 499 -13.66 -4.92 10.86
CA ILE A 499 -12.35 -5.42 10.47
C ILE A 499 -11.29 -4.33 10.63
N ALA A 500 -11.66 -3.06 10.48
CA ALA A 500 -10.69 -1.99 10.71
C ALA A 500 -10.35 -1.86 12.19
N THR A 501 -11.37 -1.84 13.05
CA THR A 501 -11.13 -1.72 14.48
C THR A 501 -10.41 -2.94 15.04
N SER A 502 -10.55 -4.11 14.40
CA SER A 502 -9.87 -5.29 14.88
C SER A 502 -8.35 -5.09 14.87
N SER A 503 -7.82 -4.51 13.80
CA SER A 503 -6.40 -4.17 13.78
C SER A 503 -6.08 -2.93 14.59
N MET A 504 -7.00 -1.96 14.63
CA MET A 504 -6.72 -0.71 15.34
C MET A 504 -6.62 -0.93 16.85
N ALA A 505 -7.35 -1.90 17.40
CA ALA A 505 -7.47 -2.07 18.85
C ALA A 505 -6.54 -3.13 19.39
N MET A 506 -5.34 -3.27 18.83
CA MET A 506 -4.33 -4.15 19.40
C MET A 506 -3.39 -3.42 20.35
N VAL A 507 -3.36 -2.10 20.32
CA VAL A 507 -2.49 -1.30 21.18
C VAL A 507 -3.07 -1.20 22.59
N PRO A 508 -4.34 -0.80 22.78
CA PRO A 508 -4.84 -0.67 24.15
C PRO A 508 -4.85 -1.97 24.93
N ILE A 509 -5.14 -3.10 24.27
CA ILE A 509 -5.21 -4.37 24.99
C ILE A 509 -3.84 -4.79 25.50
N TYR A 510 -2.81 -4.69 24.64
CA TYR A 510 -1.48 -5.04 25.08
C TYR A 510 -0.96 -4.05 26.12
N ALA A 511 -1.29 -2.77 25.96
CA ALA A 511 -0.88 -1.78 26.96
C ALA A 511 -1.48 -2.11 28.32
N ALA A 512 -2.76 -2.46 28.35
CA ALA A 512 -3.41 -2.83 29.61
C ALA A 512 -2.78 -4.10 30.19
N TYR A 513 -2.51 -5.09 29.35
CA TYR A 513 -1.91 -6.34 29.84
C TYR A 513 -0.53 -6.08 30.44
N LYS A 514 0.30 -5.29 29.76
CA LYS A 514 1.63 -5.00 30.27
C LYS A 514 1.56 -4.16 31.54
N PHE A 515 0.63 -3.20 31.60
CA PHE A 515 0.49 -2.38 32.80
C PHE A 515 0.06 -3.21 33.99
N CYS A 516 -0.87 -4.15 33.78
CA CYS A 516 -1.29 -5.01 34.88
C CYS A 516 -0.24 -6.05 35.25
N SER A 517 0.64 -6.42 34.30
CA SER A 517 1.61 -7.47 34.56
C SER A 517 2.77 -7.00 35.42
N LEU A 518 3.19 -5.74 35.25
CA LEU A 518 4.36 -5.25 35.97
C LEU A 518 4.10 -5.22 37.47
N PRO A 519 5.06 -5.66 38.28
CA PRO A 519 4.86 -5.67 39.73
C PRO A 519 5.11 -4.29 40.33
N GLY A 520 5.04 -4.22 41.65
CA GLY A 520 5.24 -2.97 42.37
C GLY A 520 3.97 -2.18 42.56
N SER A 521 4.08 -0.86 42.61
CA SER A 521 2.94 0.03 42.73
C SER A 521 2.68 0.71 41.39
N PHE A 522 1.69 1.61 41.39
CA PHE A 522 1.33 2.31 40.16
C PHE A 522 2.51 3.13 39.63
N ARG A 523 3.22 3.82 40.53
CA ARG A 523 4.39 4.58 40.11
C ARG A 523 5.45 3.67 39.49
N GLU A 524 5.75 2.56 40.16
CA GLU A 524 6.73 1.62 39.64
C GLU A 524 6.26 0.99 38.34
N LYS A 525 4.98 0.63 38.27
CA LYS A 525 4.44 0.04 37.05
C LYS A 525 4.61 0.99 35.86
N LEU A 526 4.21 2.25 36.03
CA LEU A 526 4.36 3.22 34.96
C LEU A 526 5.82 3.47 34.62
N ALA A 527 6.68 3.52 35.65
CA ALA A 527 8.10 3.77 35.41
C ALA A 527 8.71 2.67 34.55
N TYR A 528 8.45 1.41 34.88
CA TYR A 528 8.99 0.32 34.08
C TYR A 528 8.25 0.14 32.76
N ALA A 529 7.05 0.73 32.63
CA ALA A 529 6.31 0.59 31.38
C ALA A 529 6.75 1.61 30.33
N ILE A 530 7.08 2.84 30.74
CA ILE A 530 7.38 3.89 29.78
C ILE A 530 8.88 4.16 29.63
N ALA A 531 9.71 3.77 30.60
CA ALA A 531 11.14 4.03 30.46
C ALA A 531 11.77 3.02 29.49
N PRO A 532 12.80 3.43 28.76
CA PRO A 532 13.47 2.49 27.85
C PRO A 532 14.14 1.36 28.63
N GLU A 533 14.16 0.18 28.01
CA GLU A 533 14.71 -1.00 28.66
C GLU A 533 16.22 -0.94 28.81
N LYS A 534 16.90 0.03 28.18
CA LYS A 534 18.32 0.20 28.37
C LYS A 534 18.67 0.91 29.68
N ASP A 535 17.66 1.42 30.39
CA ASP A 535 17.85 2.02 31.71
C ASP A 535 17.49 1.05 32.83
N ARG A 536 17.76 -0.25 32.62
CA ARG A 536 17.34 -1.26 33.59
C ARG A 536 18.01 -1.03 34.94
N GLU A 537 19.32 -0.78 34.94
CA GLU A 537 20.05 -0.61 36.19
C GLU A 537 19.96 0.80 36.75
N LEU A 538 19.32 1.72 36.03
CA LEU A 538 19.20 3.10 36.49
C LEU A 538 17.81 3.45 36.99
N VAL A 539 16.76 2.85 36.41
CA VAL A 539 15.40 3.12 36.87
C VAL A 539 15.22 2.65 38.31
N ASP A 540 15.87 1.54 38.67
CA ASP A 540 15.80 1.05 40.04
C ASP A 540 16.36 2.06 41.03
N ARG A 541 17.43 2.75 40.66
CA ARG A 541 18.08 3.72 41.54
C ARG A 541 17.42 5.10 41.44
N GLY A 542 16.10 5.12 41.55
CA GLY A 542 15.37 6.38 41.64
C GLY A 542 15.59 7.34 40.49
N GLU A 543 15.96 6.84 39.32
CA GLU A 543 16.29 7.68 38.17
C GLU A 543 15.31 7.39 37.05
N VAL A 544 14.31 8.25 36.91
CA VAL A 544 13.34 8.18 35.82
C VAL A 544 13.45 9.49 35.03
N ARG A 545 13.85 9.38 33.77
CA ARG A 545 14.01 10.57 32.94
C ARG A 545 12.67 11.16 32.53
N GLN A 546 11.64 10.32 32.40
CA GLN A 546 10.33 10.79 31.95
C GLN A 546 9.50 11.42 33.04
N PHE A 547 9.95 11.39 34.29
CA PHE A 547 9.19 11.96 35.41
C PHE A 547 9.54 13.42 35.65
N THR A 548 9.50 14.22 34.58
CA THR A 548 9.84 15.64 34.65
C THR A 548 9.06 16.37 33.56
N LEU A 549 9.37 17.65 33.38
CA LEU A 549 8.82 18.45 32.30
C LEU A 549 9.85 18.88 31.28
N ARG A 550 11.13 18.90 31.65
CA ARG A 550 12.18 19.27 30.70
C ARG A 550 12.29 18.25 29.57
N HIS A 551 12.04 16.97 29.86
CA HIS A 551 12.09 15.98 28.80
C HIS A 551 11.00 16.21 27.77
N TRP A 552 9.79 16.55 28.22
CA TRP A 552 8.69 16.76 27.29
C TRP A 552 8.78 18.10 26.57
N LEU A 553 9.31 19.13 27.21
CA LEU A 553 9.45 20.44 26.58
C LEU A 553 10.83 20.59 25.92
N LYS A 554 11.10 19.68 24.98
CA LYS A 554 12.38 19.63 24.27
C LYS A 554 12.09 19.47 22.78
N VAL A 555 12.04 20.59 22.07
CA VAL A 555 11.74 20.60 20.65
C VAL A 555 12.98 20.19 19.84
C1 NAG B . -20.15 -12.55 -35.12
C2 NAG B . -19.33 -12.94 -36.34
C3 NAG B . -20.10 -13.93 -37.22
C4 NAG B . -21.61 -13.78 -37.08
C5 NAG B . -22.07 -13.83 -35.62
C6 NAG B . -22.70 -15.15 -35.23
C7 NAG B . -17.88 -11.01 -36.79
C8 NAG B . -17.62 -9.83 -37.68
N2 NAG B . -18.95 -11.76 -37.10
O3 NAG B . -19.71 -15.25 -36.90
O4 NAG B . -22.04 -12.55 -37.66
O5 NAG B . -20.95 -13.64 -34.73
O6 NAG B . -21.81 -16.24 -35.46
O7 NAG B . -17.15 -11.27 -35.83
C1 NAG C . -28.57 -2.62 -21.77
C2 NAG C . -28.76 -1.87 -20.45
C3 NAG C . -30.10 -2.23 -19.82
C4 NAG C . -31.23 -2.01 -20.82
C5 NAG C . -30.94 -2.73 -22.13
C6 NAG C . -31.96 -2.45 -23.21
C7 NAG C . -27.20 -1.27 -18.65
C8 NAG C . -26.07 -1.74 -17.78
N2 NAG C . -27.67 -2.16 -19.53
O3 NAG C . -30.31 -1.43 -18.66
O4 NAG C . -32.46 -2.49 -20.28
O5 NAG C . -29.67 -2.31 -22.65
O6 NAG C . -32.84 -1.41 -22.82
O7 NAG C . -27.66 -0.14 -18.56
#